data_6O98
#
_entry.id   6O98
#
_cell.length_a   97.780
_cell.length_b   97.780
_cell.length_c   126.280
_cell.angle_alpha   90.00
_cell.angle_beta   90.00
_cell.angle_gamma   120.00
#
_symmetry.space_group_name_H-M   'P 61'
#
loop_
_entity.id
_entity.type
_entity.pdbx_description
1 polymer 'Nuclear receptor ROR-gamma'
2 non-polymer 1-(4-{(3R)-3-[(4-fluorophenyl)sulfonyl]-3-[4-(1,1,1,3,3,3-hexafluoro-2-hydroxypropan-2-yl)phenyl]pyrrolidine-1-carbonyl}piperazin-1-yl)ethan-1-one
3 water water
#
_entity_poly.entity_id   1
_entity_poly.type   'polypeptide(L)'
_entity_poly.pdbx_seq_one_letter_code
;MGSSHHHHHHSSGLVPRGSHMASLTEIEHLVQSVCKSYRETCQLRLEDLLRQRSNIFSREEVTGYQRKSMWEMWERCAHH
LTEAIQYVVEFAKRLSGFMELCQNDQIVLLKAGAMEVVLVRMCRAYNADNRTVFFEGKYGGMELFRALGCSELISSIFDF
SHSLSALHFSEDEIALYTALVLINAHRPGLQEKRKVEQLQYNLELAFHHHLCKTHRQSILAKLPPKGKLRSLCSQHVERL
QIFQHLHPIVVQAAFPPLYKELFST
;
_entity_poly.pdbx_strand_id   A,B
#
loop_
_chem_comp.id
_chem_comp.type
_chem_comp.name
_chem_comp.formula
L8A non-polymer 1-(4-{(3R)-3-[(4-fluorophenyl)sulfonyl]-3-[4-(1,1,1,3,3,3-hexafluoro-2-hydroxypropan-2-yl)phenyl]pyrrolidine-1-carbonyl}piperazin-1-yl)ethan-1-one 'C26 H26 F7 N3 O5 S'
#
# COMPACT_ATOMS: atom_id res chain seq x y z
N ALA A 22 34.65 1.27 -4.47
CA ALA A 22 34.62 1.05 -3.04
C ALA A 22 35.60 -0.04 -2.57
N SER A 23 36.12 0.15 -1.37
CA SER A 23 37.00 -0.64 -0.50
C SER A 23 36.26 -1.89 0.11
N LEU A 24 37.03 -2.80 0.76
CA LEU A 24 36.49 -4.01 1.40
C LEU A 24 35.77 -3.64 2.71
N THR A 25 36.17 -2.49 3.30
CA THR A 25 35.56 -1.95 4.52
C THR A 25 34.16 -1.41 4.19
N GLU A 26 34.02 -0.81 2.99
CA GLU A 26 32.77 -0.25 2.46
C GLU A 26 31.78 -1.35 2.04
N ILE A 27 32.29 -2.54 1.63
CA ILE A 27 31.48 -3.72 1.27
C ILE A 27 30.92 -4.30 2.57
N GLU A 28 31.77 -4.40 3.63
CA GLU A 28 31.39 -4.88 4.97
C GLU A 28 30.28 -4.00 5.52
N HIS A 29 30.43 -2.65 5.42
CA HIS A 29 29.44 -1.66 5.86
C HIS A 29 28.10 -1.83 5.14
N LEU A 30 28.13 -2.13 3.82
CA LEU A 30 26.96 -2.38 2.99
C LEU A 30 26.21 -3.63 3.47
N VAL A 31 26.95 -4.72 3.81
CA VAL A 31 26.41 -5.99 4.33
C VAL A 31 25.65 -5.69 5.62
N GLN A 32 26.32 -5.02 6.58
CA GLN A 32 25.79 -4.62 7.89
C GLN A 32 24.50 -3.81 7.73
N SER A 33 24.50 -2.81 6.83
CA SER A 33 23.38 -1.91 6.52
C SER A 33 22.17 -2.69 5.97
N VAL A 34 22.40 -3.57 4.97
CA VAL A 34 21.37 -4.43 4.35
C VAL A 34 20.78 -5.39 5.40
N CYS A 35 21.65 -5.94 6.26
CA CYS A 35 21.26 -6.84 7.36
C CYS A 35 20.51 -6.11 8.47
N LYS A 36 20.83 -4.81 8.69
CA LYS A 36 20.18 -3.94 9.67
C LYS A 36 18.77 -3.60 9.17
N SER A 37 18.66 -3.20 7.89
CA SER A 37 17.40 -2.86 7.20
C SER A 37 16.46 -4.05 7.18
N TYR A 38 17.01 -5.27 6.97
CA TYR A 38 16.22 -6.51 6.96
C TYR A 38 15.66 -6.82 8.34
N ARG A 39 16.52 -6.84 9.36
CA ARG A 39 16.15 -7.14 10.75
C ARG A 39 15.08 -6.16 11.28
N GLU A 40 15.17 -4.89 10.87
CA GLU A 40 14.21 -3.85 11.24
C GLU A 40 12.84 -4.02 10.55
N THR A 41 12.81 -4.75 9.42
CA THR A 41 11.60 -4.98 8.62
C THR A 41 11.27 -6.47 8.38
N CYS A 42 11.85 -7.39 9.19
CA CYS A 42 11.66 -8.85 9.00
C CYS A 42 10.22 -9.32 9.31
N GLN A 43 9.33 -8.41 9.77
CA GLN A 43 7.90 -8.61 10.04
C GLN A 43 7.61 -9.44 11.29
N LEU A 44 7.96 -10.74 11.27
CA LEU A 44 7.77 -11.66 12.39
C LEU A 44 9.17 -12.05 12.88
N ARG A 45 9.37 -12.13 14.21
CA ARG A 45 10.67 -12.49 14.77
C ARG A 45 10.97 -13.97 14.55
N LEU A 46 12.22 -14.29 14.15
CA LEU A 46 12.69 -15.64 13.87
C LEU A 46 12.49 -16.53 15.09
N GLU A 47 12.90 -16.02 16.27
CA GLU A 47 12.84 -16.64 17.59
C GLU A 47 11.40 -17.06 17.92
N ASP A 48 10.40 -16.21 17.57
CA ASP A 48 8.97 -16.46 17.77
C ASP A 48 8.49 -17.60 16.86
N LEU A 49 8.90 -17.56 15.57
CA LEU A 49 8.54 -18.54 14.53
C LEU A 49 9.03 -19.95 14.84
N LEU A 50 10.29 -20.07 15.32
CA LEU A 50 10.92 -21.36 15.67
C LEU A 50 10.25 -21.97 16.91
N ARG A 51 9.84 -21.12 17.87
CA ARG A 51 9.16 -21.50 19.12
C ARG A 51 7.76 -22.04 18.80
N GLN A 52 7.06 -21.37 17.86
CA GLN A 52 5.70 -21.70 17.43
C GLN A 52 5.61 -22.97 16.56
N ARG A 53 6.76 -23.59 16.19
CA ARG A 53 6.81 -24.81 15.35
C ARG A 53 6.02 -25.99 15.95
N SER A 54 5.87 -26.02 17.29
CA SER A 54 5.11 -27.03 18.02
C SER A 54 3.60 -26.68 18.00
N ASN A 55 3.27 -25.38 17.88
CA ASN A 55 1.89 -24.88 17.82
C ASN A 55 1.32 -25.17 16.41
N ILE A 56 0.79 -26.40 16.25
CA ILE A 56 0.22 -26.95 15.01
C ILE A 56 -1.30 -26.94 15.05
N PHE A 57 -1.95 -26.61 13.91
CA PHE A 57 -3.40 -26.59 13.75
C PHE A 57 -3.98 -28.00 13.90
N SER A 58 -5.11 -28.12 14.64
CA SER A 58 -5.81 -29.39 14.85
C SER A 58 -6.55 -29.81 13.56
N ARG A 59 -7.00 -31.07 13.47
CA ARG A 59 -7.73 -31.58 12.29
C ARG A 59 -9.01 -30.76 12.01
N GLU A 60 -9.74 -30.38 13.08
CA GLU A 60 -10.96 -29.57 13.03
C GLU A 60 -10.64 -28.14 12.54
N GLU A 61 -9.42 -27.64 12.86
CA GLU A 61 -8.94 -26.31 12.49
C GLU A 61 -8.58 -26.29 11.00
N VAL A 62 -7.98 -27.40 10.47
CA VAL A 62 -7.66 -27.58 9.05
C VAL A 62 -9.00 -27.65 8.28
N THR A 63 -9.94 -28.50 8.78
CA THR A 63 -11.30 -28.69 8.26
C THR A 63 -12.03 -27.33 8.14
N GLY A 64 -11.87 -26.50 9.17
CA GLY A 64 -12.43 -25.14 9.23
C GLY A 64 -11.97 -24.27 8.07
N TYR A 65 -10.68 -24.39 7.69
CA TYR A 65 -10.08 -23.67 6.56
C TYR A 65 -10.49 -24.32 5.23
N GLN A 66 -10.56 -25.66 5.20
CA GLN A 66 -10.94 -26.45 4.03
C GLN A 66 -12.39 -26.19 3.59
N ARG A 67 -13.26 -25.85 4.56
CA ARG A 67 -14.67 -25.53 4.36
C ARG A 67 -14.87 -24.14 3.77
N LYS A 68 -13.98 -23.18 4.11
CA LYS A 68 -14.01 -21.79 3.63
C LYS A 68 -14.03 -21.73 2.10
N SER A 69 -14.66 -20.69 1.55
CA SER A 69 -14.74 -20.48 0.11
C SER A 69 -13.36 -20.14 -0.46
N MET A 70 -13.17 -20.37 -1.77
CA MET A 70 -11.92 -20.03 -2.46
C MET A 70 -11.70 -18.51 -2.40
N TRP A 71 -12.80 -17.72 -2.48
CA TRP A 71 -12.81 -16.26 -2.41
C TRP A 71 -12.39 -15.74 -1.03
N GLU A 72 -12.78 -16.45 0.05
CA GLU A 72 -12.43 -16.12 1.44
C GLU A 72 -10.94 -16.36 1.65
N MET A 73 -10.43 -17.51 1.15
CA MET A 73 -9.03 -17.90 1.23
C MET A 73 -8.12 -17.00 0.38
N TRP A 74 -8.56 -16.61 -0.84
CA TRP A 74 -7.83 -15.70 -1.73
C TRP A 74 -7.79 -14.27 -1.16
N GLU A 75 -8.82 -13.91 -0.36
CA GLU A 75 -8.93 -12.62 0.31
C GLU A 75 -7.93 -12.56 1.48
N ARG A 76 -7.82 -13.65 2.27
CA ARG A 76 -6.91 -13.79 3.41
C ARG A 76 -5.45 -13.82 2.96
N CYS A 77 -5.13 -14.69 1.99
CA CYS A 77 -3.80 -14.86 1.42
C CYS A 77 -3.27 -13.57 0.80
N ALA A 78 -4.13 -12.86 0.03
CA ALA A 78 -3.80 -11.59 -0.61
C ALA A 78 -3.66 -10.46 0.42
N HIS A 79 -4.38 -10.57 1.56
CA HIS A 79 -4.29 -9.61 2.66
C HIS A 79 -2.92 -9.75 3.32
N HIS A 80 -2.50 -11.01 3.62
CA HIS A 80 -1.21 -11.31 4.23
C HIS A 80 -0.06 -10.99 3.27
N LEU A 81 -0.29 -11.16 1.94
CA LEU A 81 0.69 -10.87 0.89
C LEU A 81 0.94 -9.35 0.81
N THR A 82 -0.15 -8.55 0.81
CA THR A 82 -0.10 -7.09 0.80
C THR A 82 0.68 -6.59 2.03
N GLU A 83 0.33 -7.12 3.21
CA GLU A 83 0.98 -6.83 4.50
C GLU A 83 2.47 -7.13 4.46
N ALA A 84 2.85 -8.30 3.90
CA ALA A 84 4.24 -8.74 3.76
C ALA A 84 5.03 -7.85 2.79
N ILE A 85 4.38 -7.45 1.67
CA ILE A 85 4.95 -6.56 0.65
C ILE A 85 5.28 -5.17 1.24
N GLN A 86 4.46 -4.70 2.21
CA GLN A 86 4.67 -3.42 2.90
C GLN A 86 6.01 -3.36 3.65
N TYR A 87 6.40 -4.48 4.30
CA TYR A 87 7.65 -4.62 5.03
C TYR A 87 8.84 -4.68 4.08
N VAL A 88 8.60 -5.24 2.87
CA VAL A 88 9.58 -5.36 1.77
C VAL A 88 9.88 -3.95 1.22
N VAL A 89 8.83 -3.12 1.04
CA VAL A 89 8.92 -1.74 0.57
C VAL A 89 9.69 -0.93 1.63
N GLU A 90 9.41 -1.20 2.92
CA GLU A 90 10.07 -0.59 4.08
C GLU A 90 11.56 -0.97 4.14
N PHE A 91 11.88 -2.23 3.71
CA PHE A 91 13.23 -2.77 3.64
C PHE A 91 14.02 -2.00 2.57
N ALA A 92 13.46 -1.91 1.33
CA ALA A 92 14.07 -1.20 0.20
C ALA A 92 14.24 0.29 0.50
N LYS A 93 13.27 0.91 1.21
CA LYS A 93 13.31 2.31 1.64
C LYS A 93 14.45 2.58 2.62
N ARG A 94 14.87 1.53 3.38
CA ARG A 94 15.96 1.60 4.35
C ARG A 94 17.36 1.32 3.73
N LEU A 95 17.42 1.21 2.38
CA LEU A 95 18.66 1.01 1.64
C LEU A 95 19.04 2.33 0.97
N SER A 96 20.20 2.89 1.35
CA SER A 96 20.75 4.18 0.88
C SER A 96 20.75 4.35 -0.64
N GLY A 97 21.27 3.36 -1.35
CA GLY A 97 21.37 3.34 -2.81
C GLY A 97 20.03 3.35 -3.53
N PHE A 98 19.05 2.57 -3.00
CA PHE A 98 17.69 2.47 -3.55
C PHE A 98 16.96 3.82 -3.51
N MET A 99 17.15 4.58 -2.42
CA MET A 99 16.54 5.90 -2.23
C MET A 99 17.10 6.91 -3.21
N GLU A 100 18.40 6.76 -3.59
CA GLU A 100 19.12 7.61 -4.55
C GLU A 100 18.54 7.50 -5.97
N LEU A 101 17.88 6.37 -6.31
CA LEU A 101 17.28 6.11 -7.61
C LEU A 101 16.06 6.98 -7.85
N CYS A 102 15.69 7.20 -9.15
CA CYS A 102 14.51 7.98 -9.51
C CYS A 102 13.25 7.18 -9.14
N GLN A 103 12.16 7.89 -8.80
CA GLN A 103 10.89 7.30 -8.36
C GLN A 103 10.38 6.19 -9.28
N ASN A 104 10.42 6.39 -10.62
CA ASN A 104 10.00 5.38 -11.61
C ASN A 104 10.78 4.07 -11.41
N ASP A 105 12.11 4.16 -11.21
CA ASP A 105 12.98 3.00 -10.98
C ASP A 105 12.68 2.31 -9.65
N GLN A 106 12.37 3.12 -8.60
CA GLN A 106 11.98 2.62 -7.29
C GLN A 106 10.67 1.82 -7.39
N ILE A 107 9.75 2.26 -8.29
CA ILE A 107 8.47 1.59 -8.53
C ILE A 107 8.68 0.31 -9.36
N VAL A 108 9.43 0.41 -10.50
CA VAL A 108 9.73 -0.71 -11.42
C VAL A 108 10.36 -1.90 -10.67
N LEU A 109 11.34 -1.63 -9.77
CA LEU A 109 12.01 -2.67 -8.98
C LEU A 109 11.10 -3.28 -7.91
N LEU A 110 10.26 -2.44 -7.25
CA LEU A 110 9.33 -2.91 -6.21
C LEU A 110 8.15 -3.70 -6.77
N LYS A 111 7.64 -3.30 -7.95
CA LYS A 111 6.53 -3.99 -8.61
C LYS A 111 6.95 -5.37 -9.11
N ALA A 112 8.17 -5.47 -9.69
CA ALA A 112 8.71 -6.70 -10.23
C ALA A 112 9.31 -7.65 -9.18
N GLY A 113 9.84 -7.11 -8.07
CA GLY A 113 10.50 -7.90 -7.04
C GLY A 113 9.89 -8.08 -5.67
N ALA A 114 8.94 -7.20 -5.23
CA ALA A 114 8.35 -7.28 -3.88
C ALA A 114 7.75 -8.64 -3.52
N MET A 115 6.95 -9.24 -4.43
CA MET A 115 6.31 -10.54 -4.20
C MET A 115 7.35 -11.67 -4.20
N GLU A 116 8.38 -11.56 -5.07
CA GLU A 116 9.48 -12.52 -5.17
C GLU A 116 10.28 -12.56 -3.85
N VAL A 117 10.46 -11.39 -3.21
CA VAL A 117 11.13 -11.20 -1.93
C VAL A 117 10.32 -11.88 -0.80
N VAL A 118 8.97 -11.75 -0.85
CA VAL A 118 8.03 -12.38 0.10
C VAL A 118 8.18 -13.91 0.02
N LEU A 119 8.25 -14.47 -1.21
CA LEU A 119 8.40 -15.90 -1.48
C LEU A 119 9.73 -16.46 -0.95
N VAL A 120 10.78 -15.60 -0.88
CA VAL A 120 12.09 -15.97 -0.35
C VAL A 120 12.03 -15.89 1.18
N ARG A 121 11.54 -14.76 1.75
CA ARG A 121 11.35 -14.50 3.18
C ARG A 121 10.54 -15.61 3.86
N MET A 122 9.62 -16.23 3.10
CA MET A 122 8.70 -17.31 3.46
C MET A 122 9.35 -18.52 4.14
N CYS A 123 10.61 -18.86 3.79
CA CYS A 123 11.36 -20.02 4.30
C CYS A 123 11.57 -20.01 5.83
N ARG A 124 11.50 -18.82 6.48
CA ARG A 124 11.64 -18.67 7.94
C ARG A 124 10.45 -19.27 8.65
N ALA A 125 9.26 -19.11 8.04
CA ALA A 125 7.98 -19.60 8.54
C ALA A 125 7.72 -21.05 8.13
N TYR A 126 8.65 -21.65 7.37
CA TYR A 126 8.54 -23.03 6.92
C TYR A 126 9.35 -23.97 7.82
N ASN A 127 8.73 -25.10 8.21
CA ASN A 127 9.32 -26.14 9.05
C ASN A 127 9.43 -27.43 8.22
N ALA A 128 10.68 -27.85 7.95
CA ALA A 128 10.99 -29.04 7.15
C ALA A 128 10.73 -30.38 7.86
N ASP A 129 10.68 -30.36 9.21
CA ASP A 129 10.46 -31.53 10.07
C ASP A 129 9.07 -32.16 9.91
N ASN A 130 8.07 -31.38 9.47
CA ASN A 130 6.68 -31.81 9.32
C ASN A 130 5.99 -31.26 8.05
N ARG A 131 6.75 -30.54 7.18
CA ARG A 131 6.28 -29.89 5.94
C ARG A 131 5.12 -28.91 6.22
N THR A 132 5.29 -28.06 7.26
CA THR A 132 4.29 -27.07 7.65
C THR A 132 4.79 -25.64 7.53
N VAL A 133 3.87 -24.70 7.37
CA VAL A 133 4.15 -23.28 7.26
C VAL A 133 3.32 -22.51 8.31
N PHE A 134 3.90 -21.44 8.88
CA PHE A 134 3.21 -20.61 9.87
C PHE A 134 2.21 -19.72 9.13
N PHE A 135 0.91 -19.97 9.37
CA PHE A 135 -0.20 -19.24 8.76
C PHE A 135 -1.26 -18.97 9.81
N GLU A 136 -1.59 -17.69 10.01
CA GLU A 136 -2.61 -17.19 10.95
C GLU A 136 -2.48 -17.75 12.38
N GLY A 137 -1.33 -17.51 13.00
CA GLY A 137 -1.04 -17.89 14.38
C GLY A 137 -0.55 -19.30 14.66
N LYS A 138 -0.81 -20.26 13.74
CA LYS A 138 -0.39 -21.66 13.93
C LYS A 138 0.24 -22.28 12.68
N TYR A 139 0.92 -23.43 12.85
CA TYR A 139 1.54 -24.16 11.74
C TYR A 139 0.54 -25.12 11.13
N GLY A 140 0.50 -25.13 9.80
CA GLY A 140 -0.39 -25.98 9.03
C GLY A 140 0.25 -26.50 7.76
N GLY A 141 -0.23 -27.66 7.31
CA GLY A 141 0.24 -28.31 6.09
C GLY A 141 -0.29 -27.63 4.84
N MET A 142 0.05 -28.17 3.66
CA MET A 142 -0.41 -27.59 2.40
C MET A 142 -1.91 -27.87 2.14
N GLU A 143 -2.52 -28.77 2.95
CA GLU A 143 -3.94 -29.12 2.90
C GLU A 143 -4.84 -28.03 3.53
N LEU A 144 -4.22 -27.04 4.18
CA LEU A 144 -4.86 -25.89 4.82
C LEU A 144 -5.44 -24.97 3.73
N PHE A 145 -4.73 -24.90 2.59
CA PHE A 145 -5.03 -24.07 1.42
C PHE A 145 -5.80 -24.83 0.30
N ARG A 146 -6.36 -26.00 0.62
CA ARG A 146 -7.15 -26.90 -0.26
C ARG A 146 -8.28 -26.19 -1.02
N ALA A 147 -8.95 -25.22 -0.35
CA ALA A 147 -10.06 -24.41 -0.87
C ALA A 147 -9.73 -23.63 -2.15
N LEU A 148 -8.47 -23.16 -2.29
CA LEU A 148 -7.98 -22.39 -3.45
C LEU A 148 -8.07 -23.14 -4.78
N GLY A 149 -7.99 -24.47 -4.71
CA GLY A 149 -8.02 -25.35 -5.88
C GLY A 149 -6.75 -25.17 -6.71
N CYS A 150 -5.60 -25.03 -6.02
CA CYS A 150 -4.30 -24.76 -6.63
C CYS A 150 -3.20 -25.67 -6.06
N SER A 151 -3.51 -26.98 -5.88
CA SER A 151 -2.60 -28.02 -5.35
C SER A 151 -1.19 -27.97 -5.94
N GLU A 152 -1.09 -27.70 -7.26
CA GLU A 152 0.18 -27.57 -7.99
C GLU A 152 0.96 -26.33 -7.52
N LEU A 153 0.27 -25.18 -7.42
CA LEU A 153 0.84 -23.90 -7.00
C LEU A 153 1.26 -23.89 -5.52
N ILE A 154 0.46 -24.52 -4.63
CA ILE A 154 0.75 -24.61 -3.19
C ILE A 154 1.97 -25.54 -2.95
N SER A 155 2.09 -26.63 -3.75
CA SER A 155 3.21 -27.58 -3.70
C SER A 155 4.49 -26.86 -4.10
N SER A 156 4.39 -26.02 -5.15
CA SER A 156 5.48 -25.20 -5.72
C SER A 156 6.09 -24.21 -4.71
N ILE A 157 5.26 -23.59 -3.86
CA ILE A 157 5.74 -22.64 -2.84
C ILE A 157 6.24 -23.37 -1.58
N PHE A 158 5.71 -24.59 -1.29
CA PHE A 158 6.18 -25.43 -0.18
C PHE A 158 7.55 -26.01 -0.52
N ASP A 159 7.73 -26.49 -1.78
CA ASP A 159 8.98 -27.06 -2.30
C ASP A 159 10.09 -26.01 -2.35
N PHE A 160 9.74 -24.75 -2.73
CA PHE A 160 10.69 -23.63 -2.80
C PHE A 160 11.18 -23.26 -1.40
N SER A 161 10.25 -23.15 -0.43
CA SER A 161 10.56 -22.85 0.97
C SER A 161 11.34 -24.01 1.60
N HIS A 162 11.11 -25.26 1.13
CA HIS A 162 11.82 -26.44 1.58
C HIS A 162 13.26 -26.42 1.06
N SER A 163 13.47 -25.96 -0.20
CA SER A 163 14.79 -25.85 -0.83
C SER A 163 15.70 -24.84 -0.11
N LEU A 164 15.11 -23.83 0.55
CA LEU A 164 15.85 -22.82 1.30
C LEU A 164 16.01 -23.18 2.78
N SER A 165 14.96 -23.76 3.40
CA SER A 165 14.98 -24.20 4.80
C SER A 165 15.91 -25.41 5.02
N ALA A 166 16.06 -26.28 3.99
CA ALA A 166 16.95 -27.46 4.02
C ALA A 166 18.41 -27.00 4.09
N LEU A 167 18.71 -25.84 3.48
CA LEU A 167 20.01 -25.20 3.47
C LEU A 167 20.26 -24.43 4.79
N HIS A 168 19.19 -24.24 5.60
CA HIS A 168 19.17 -23.49 6.86
C HIS A 168 19.52 -22.02 6.59
N PHE A 169 18.89 -21.46 5.53
CA PHE A 169 19.05 -20.09 5.05
C PHE A 169 18.90 -19.12 6.21
N SER A 170 20.02 -18.46 6.58
CA SER A 170 20.08 -17.52 7.69
C SER A 170 19.37 -16.19 7.40
N GLU A 171 19.15 -15.38 8.47
CA GLU A 171 18.51 -14.07 8.42
C GLU A 171 19.30 -13.11 7.55
N ASP A 172 20.65 -13.13 7.67
CA ASP A 172 21.57 -12.32 6.88
C ASP A 172 21.60 -12.80 5.42
N GLU A 173 21.47 -14.13 5.20
CA GLU A 173 21.45 -14.75 3.88
C GLU A 173 20.19 -14.33 3.12
N ILE A 174 19.02 -14.29 3.82
CA ILE A 174 17.74 -13.82 3.28
C ILE A 174 17.87 -12.33 2.93
N ALA A 175 18.43 -11.52 3.86
CA ALA A 175 18.68 -10.08 3.74
C ALA A 175 19.41 -9.70 2.45
N LEU A 176 20.53 -10.39 2.18
CA LEU A 176 21.39 -10.15 1.02
C LEU A 176 20.81 -10.71 -0.28
N TYR A 177 20.15 -11.89 -0.21
CA TYR A 177 19.52 -12.55 -1.36
C TYR A 177 18.35 -11.72 -1.88
N THR A 178 17.47 -11.25 -0.98
CA THR A 178 16.29 -10.43 -1.30
C THR A 178 16.68 -9.05 -1.81
N ALA A 179 17.81 -8.50 -1.31
CA ALA A 179 18.35 -7.20 -1.75
C ALA A 179 18.75 -7.33 -3.23
N LEU A 180 19.28 -8.52 -3.61
CA LEU A 180 19.65 -8.87 -4.99
C LEU A 180 18.43 -9.17 -5.85
N VAL A 181 17.31 -9.65 -5.23
CA VAL A 181 16.05 -9.92 -5.90
C VAL A 181 15.41 -8.57 -6.32
N LEU A 182 15.33 -7.60 -5.37
CA LEU A 182 14.81 -6.25 -5.62
C LEU A 182 15.68 -5.47 -6.59
N ILE A 183 16.99 -5.36 -6.28
CA ILE A 183 17.95 -4.64 -7.13
C ILE A 183 18.45 -5.55 -8.25
N ASN A 184 17.75 -5.47 -9.38
CA ASN A 184 18.02 -6.24 -10.60
C ASN A 184 17.89 -5.27 -11.77
N ALA A 185 19.01 -4.95 -12.43
CA ALA A 185 19.02 -4.02 -13.56
C ALA A 185 18.35 -4.57 -14.84
N HIS A 186 18.03 -5.88 -14.86
CA HIS A 186 17.39 -6.58 -15.98
C HIS A 186 15.90 -6.24 -16.17
N ARG A 187 15.24 -5.70 -15.13
CA ARG A 187 13.81 -5.36 -15.14
C ARG A 187 13.44 -4.33 -16.23
N PRO A 188 12.40 -4.61 -17.06
CA PRO A 188 12.02 -3.62 -18.10
C PRO A 188 11.27 -2.43 -17.51
N GLY A 189 11.62 -1.24 -17.99
CA GLY A 189 11.02 0.01 -17.52
C GLY A 189 11.97 0.91 -16.75
N LEU A 190 13.22 0.46 -16.53
CA LEU A 190 14.23 1.23 -15.82
C LEU A 190 14.83 2.30 -16.73
N GLN A 191 14.98 3.52 -16.20
CA GLN A 191 15.55 4.66 -16.91
C GLN A 191 17.04 4.78 -16.58
N GLU A 192 17.40 4.68 -15.29
CA GLU A 192 18.78 4.73 -14.82
C GLU A 192 19.31 3.30 -14.65
N LYS A 193 19.37 2.51 -15.76
CA LYS A 193 19.84 1.12 -15.74
C LYS A 193 21.28 0.98 -15.21
N ARG A 194 22.16 1.94 -15.53
CA ARG A 194 23.56 1.99 -15.12
C ARG A 194 23.70 2.15 -13.60
N LYS A 195 22.86 3.01 -12.99
CA LYS A 195 22.83 3.30 -11.56
C LYS A 195 22.46 2.05 -10.73
N VAL A 196 21.44 1.31 -11.22
CA VAL A 196 20.90 0.08 -10.63
C VAL A 196 21.94 -1.04 -10.79
N GLU A 197 22.64 -1.08 -11.94
CA GLU A 197 23.71 -2.04 -12.26
C GLU A 197 24.82 -1.98 -11.21
N GLN A 198 25.25 -0.75 -10.83
CA GLN A 198 26.27 -0.47 -9.83
C GLN A 198 25.83 -0.92 -8.43
N LEU A 199 24.54 -0.74 -8.11
CA LEU A 199 23.92 -1.14 -6.86
C LEU A 199 23.83 -2.69 -6.81
N GLN A 200 23.53 -3.34 -7.96
CA GLN A 200 23.44 -4.80 -8.10
C GLN A 200 24.82 -5.45 -7.91
N TYR A 201 25.84 -4.88 -8.58
CA TYR A 201 27.25 -5.30 -8.55
C TYR A 201 27.82 -5.26 -7.14
N ASN A 202 27.55 -4.17 -6.39
CA ASN A 202 28.01 -3.99 -5.01
C ASN A 202 27.34 -4.97 -4.06
N LEU A 203 26.04 -5.28 -4.28
CA LEU A 203 25.27 -6.24 -3.49
C LEU A 203 25.69 -7.68 -3.80
N GLU A 204 26.14 -7.94 -5.06
CA GLU A 204 26.63 -9.25 -5.51
C GLU A 204 27.94 -9.55 -4.78
N LEU A 205 28.81 -8.52 -4.71
CA LEU A 205 30.13 -8.47 -4.06
C LEU A 205 29.96 -8.62 -2.54
N ALA A 206 28.92 -7.97 -1.98
CA ALA A 206 28.54 -7.99 -0.57
C ALA A 206 28.02 -9.36 -0.15
N PHE A 207 27.27 -10.04 -1.06
CA PHE A 207 26.71 -11.37 -0.80
C PHE A 207 27.80 -12.43 -0.73
N HIS A 208 28.70 -12.47 -1.73
CA HIS A 208 29.82 -13.41 -1.83
C HIS A 208 30.83 -13.25 -0.68
N HIS A 209 31.15 -11.98 -0.32
CA HIS A 209 32.06 -11.64 0.77
C HIS A 209 31.52 -12.11 2.12
N HIS A 210 30.20 -11.97 2.33
CA HIS A 210 29.56 -12.40 3.57
C HIS A 210 29.51 -13.91 3.70
N LEU A 211 29.35 -14.64 2.56
CA LEU A 211 29.34 -16.09 2.56
C LEU A 211 30.70 -16.64 2.96
N CYS A 212 31.78 -15.95 2.56
CA CYS A 212 33.16 -16.32 2.91
C CYS A 212 33.41 -16.12 4.40
N LYS A 213 32.97 -14.96 4.96
CA LYS A 213 33.10 -14.60 6.36
C LYS A 213 32.34 -15.53 7.31
N THR A 214 31.23 -16.12 6.81
CA THR A 214 30.37 -17.03 7.57
C THR A 214 30.56 -18.52 7.17
N HIS A 215 31.55 -18.79 6.29
CA HIS A 215 31.92 -20.12 5.77
C HIS A 215 30.73 -20.87 5.15
N ARG A 216 29.95 -20.13 4.36
CA ARG A 216 28.74 -20.58 3.68
C ARG A 216 28.86 -20.53 2.15
N GLN A 217 30.10 -20.66 1.60
CA GLN A 217 30.36 -20.69 0.15
C GLN A 217 29.63 -21.88 -0.49
N SER A 218 29.47 -22.96 0.33
CA SER A 218 28.82 -24.23 0.02
C SER A 218 27.38 -24.12 -0.46
N ILE A 219 26.62 -23.12 0.02
CA ILE A 219 25.20 -22.97 -0.29
C ILE A 219 24.95 -22.29 -1.66
N LEU A 220 25.95 -21.59 -2.24
CA LEU A 220 25.82 -20.89 -3.53
C LEU A 220 25.36 -21.78 -4.68
N ALA A 221 25.96 -22.98 -4.81
CA ALA A 221 25.63 -23.95 -5.85
C ALA A 221 24.34 -24.70 -5.52
N LYS A 222 23.95 -24.72 -4.23
CA LYS A 222 22.74 -25.39 -3.72
C LYS A 222 21.48 -24.50 -3.72
N LEU A 223 21.63 -23.22 -4.09
CA LEU A 223 20.54 -22.22 -4.16
C LEU A 223 19.59 -22.42 -5.38
N PRO A 224 18.32 -21.91 -5.37
CA PRO A 224 17.42 -22.10 -6.53
C PRO A 224 17.97 -21.50 -7.82
N PRO A 225 17.83 -22.20 -8.98
CA PRO A 225 18.39 -21.64 -10.23
C PRO A 225 17.68 -20.34 -10.62
N LYS A 226 18.33 -19.18 -10.35
CA LYS A 226 17.81 -17.83 -10.61
C LYS A 226 17.10 -17.76 -11.97
N GLY A 227 15.80 -17.60 -11.90
CA GLY A 227 14.84 -17.65 -12.99
C GLY A 227 13.66 -18.49 -12.57
N LYS A 228 13.92 -19.44 -11.63
CA LYS A 228 12.94 -20.33 -11.00
C LYS A 228 12.00 -19.51 -10.11
N LEU A 229 12.57 -18.56 -9.33
CA LEU A 229 11.81 -17.67 -8.45
C LEU A 229 10.81 -16.85 -9.27
N ARG A 230 11.25 -16.38 -10.45
CA ARG A 230 10.45 -15.61 -11.40
C ARG A 230 9.37 -16.48 -12.05
N SER A 231 9.71 -17.76 -12.37
CA SER A 231 8.80 -18.76 -12.94
C SER A 231 7.66 -19.07 -11.97
N LEU A 232 8.01 -19.20 -10.68
CA LEU A 232 7.09 -19.48 -9.58
C LEU A 232 6.18 -18.29 -9.30
N CYS A 233 6.76 -17.06 -9.30
CA CYS A 233 6.04 -15.80 -9.05
C CYS A 233 5.05 -15.45 -10.16
N SER A 234 5.47 -15.56 -11.43
CA SER A 234 4.65 -15.25 -12.61
C SER A 234 3.46 -16.20 -12.77
N GLN A 235 3.62 -17.46 -12.33
CA GLN A 235 2.57 -18.48 -12.34
C GLN A 235 1.54 -18.19 -11.25
N HIS A 236 2.01 -17.62 -10.11
CA HIS A 236 1.18 -17.26 -8.97
C HIS A 236 0.39 -15.97 -9.19
N VAL A 237 1.02 -14.94 -9.82
CA VAL A 237 0.35 -13.67 -10.16
C VAL A 237 -0.74 -13.91 -11.21
N GLU A 238 -0.55 -14.96 -12.05
CA GLU A 238 -1.48 -15.42 -13.09
C GLU A 238 -2.76 -15.91 -12.41
N ARG A 239 -2.63 -16.73 -11.35
CA ARG A 239 -3.75 -17.27 -10.58
C ARG A 239 -4.39 -16.20 -9.68
N LEU A 240 -3.57 -15.31 -9.11
CA LEU A 240 -4.00 -14.23 -8.22
C LEU A 240 -4.82 -13.14 -8.93
N GLN A 241 -4.34 -12.64 -10.10
CA GLN A 241 -4.98 -11.58 -10.90
C GLN A 241 -6.46 -11.85 -11.23
N ILE A 242 -6.83 -13.14 -11.32
CA ILE A 242 -8.18 -13.61 -11.62
C ILE A 242 -9.12 -13.36 -10.42
N PHE A 243 -8.59 -13.40 -9.19
CA PHE A 243 -9.39 -13.21 -7.98
C PHE A 243 -9.31 -11.79 -7.37
N GLN A 244 -8.12 -11.15 -7.43
CA GLN A 244 -7.97 -9.79 -6.87
C GLN A 244 -8.55 -8.72 -7.81
N MET B 21 -17.52 9.20 -25.30
CA MET B 21 -18.91 9.22 -24.83
C MET B 21 -19.72 10.31 -25.52
N ALA B 22 -20.40 9.93 -26.61
CA ALA B 22 -21.24 10.82 -27.40
C ALA B 22 -22.70 10.86 -26.96
N SER B 23 -23.10 10.22 -25.80
CA SER B 23 -24.50 10.41 -25.49
C SER B 23 -24.70 10.81 -24.01
N LEU B 24 -25.87 11.41 -23.73
CA LEU B 24 -26.31 11.86 -22.40
C LEU B 24 -26.64 10.65 -21.52
N THR B 25 -27.01 9.52 -22.14
CA THR B 25 -27.30 8.26 -21.45
C THR B 25 -25.99 7.67 -20.94
N GLU B 26 -24.90 7.80 -21.73
CA GLU B 26 -23.56 7.33 -21.40
C GLU B 26 -22.89 8.15 -20.31
N ILE B 27 -23.25 9.44 -20.20
CA ILE B 27 -22.74 10.33 -19.15
C ILE B 27 -23.45 9.95 -17.84
N GLU B 28 -24.78 9.74 -17.90
CA GLU B 28 -25.59 9.31 -16.75
C GLU B 28 -25.01 8.02 -16.18
N HIS B 29 -24.68 7.03 -17.07
CA HIS B 29 -24.08 5.74 -16.71
C HIS B 29 -22.73 5.93 -16.02
N LEU B 30 -21.92 6.89 -16.50
CA LEU B 30 -20.61 7.24 -15.93
C LEU B 30 -20.77 7.80 -14.50
N VAL B 31 -21.79 8.69 -14.27
CA VAL B 31 -22.12 9.28 -12.97
C VAL B 31 -22.43 8.12 -11.99
N GLN B 32 -23.37 7.24 -12.37
CA GLN B 32 -23.82 6.07 -11.61
C GLN B 32 -22.64 5.18 -11.22
N SER B 33 -21.75 4.88 -12.19
CA SER B 33 -20.56 4.04 -12.04
C SER B 33 -19.57 4.64 -11.04
N VAL B 34 -19.25 5.94 -11.19
CA VAL B 34 -18.35 6.69 -10.30
C VAL B 34 -18.94 6.73 -8.88
N CYS B 35 -20.26 6.93 -8.77
CA CYS B 35 -20.98 6.96 -7.48
C CYS B 35 -21.06 5.58 -6.85
N LYS B 36 -21.09 4.51 -7.67
CA LYS B 36 -21.12 3.10 -7.23
C LYS B 36 -19.74 2.75 -6.67
N SER B 37 -18.66 3.09 -7.43
CA SER B 37 -17.26 2.86 -7.06
C SER B 37 -16.91 3.58 -5.76
N TYR B 38 -17.45 4.81 -5.57
CA TYR B 38 -17.23 5.60 -4.37
C TYR B 38 -17.88 4.96 -3.16
N ARG B 39 -19.18 4.64 -3.26
CA ARG B 39 -19.97 4.02 -2.19
C ARG B 39 -19.35 2.69 -1.73
N GLU B 40 -18.81 1.91 -2.67
CA GLU B 40 -18.16 0.64 -2.40
C GLU B 40 -16.81 0.80 -1.68
N THR B 41 -16.18 2.00 -1.79
CA THR B 41 -14.87 2.29 -1.20
C THR B 41 -14.86 3.52 -0.27
N CYS B 42 -16.04 3.99 0.20
CA CYS B 42 -16.16 5.20 1.03
C CYS B 42 -15.52 5.06 2.44
N GLN B 43 -15.01 3.85 2.79
CA GLN B 43 -14.27 3.50 4.01
C GLN B 43 -15.17 3.43 5.26
N LEU B 44 -15.79 4.56 5.65
CA LEU B 44 -16.71 4.62 6.80
C LEU B 44 -18.09 5.02 6.28
N ARG B 45 -19.17 4.42 6.82
CA ARG B 45 -20.57 4.68 6.44
C ARG B 45 -20.97 6.10 6.85
N LEU B 46 -21.64 6.86 5.94
CA LEU B 46 -22.03 8.27 6.20
C LEU B 46 -22.96 8.35 7.41
N GLU B 47 -23.95 7.43 7.45
CA GLU B 47 -24.98 7.26 8.46
C GLU B 47 -24.36 7.01 9.85
N ASP B 48 -23.25 6.25 9.91
CA ASP B 48 -22.54 5.98 11.16
C ASP B 48 -21.74 7.19 11.65
N LEU B 49 -21.14 7.99 10.72
CA LEU B 49 -20.39 9.21 11.03
C LEU B 49 -21.28 10.33 11.60
N LEU B 50 -22.49 10.51 11.02
CA LEU B 50 -23.47 11.51 11.45
C LEU B 50 -24.04 11.16 12.84
N ARG B 51 -24.22 9.86 13.11
CA ARG B 51 -24.72 9.31 14.38
C ARG B 51 -23.69 9.54 15.50
N GLN B 52 -22.39 9.33 15.17
CA GLN B 52 -21.26 9.48 16.08
C GLN B 52 -20.91 10.94 16.43
N ARG B 53 -21.58 11.94 15.78
CA ARG B 53 -21.34 13.37 16.02
C ARG B 53 -21.53 13.79 17.49
N SER B 54 -22.36 13.06 18.24
CA SER B 54 -22.60 13.27 19.67
C SER B 54 -21.50 12.63 20.52
N ASN B 55 -20.85 11.55 19.98
CA ASN B 55 -19.76 10.83 20.63
C ASN B 55 -18.47 11.68 20.53
N ILE B 56 -18.32 12.61 21.48
CA ILE B 56 -17.22 13.57 21.58
C ILE B 56 -16.21 13.16 22.66
N PHE B 57 -14.90 13.35 22.38
CA PHE B 57 -13.80 13.05 23.31
C PHE B 57 -13.87 13.94 24.55
N SER B 58 -13.65 13.34 25.74
CA SER B 58 -13.64 14.07 27.01
C SER B 58 -12.36 14.90 27.15
N ARG B 59 -12.32 15.81 28.15
CA ARG B 59 -11.18 16.67 28.42
C ARG B 59 -9.88 15.91 28.69
N GLU B 60 -9.96 14.79 29.44
CA GLU B 60 -8.78 13.98 29.72
C GLU B 60 -8.41 13.08 28.54
N GLU B 61 -9.38 12.83 27.61
CA GLU B 61 -9.12 12.08 26.39
C GLU B 61 -8.32 12.96 25.41
N VAL B 62 -8.64 14.29 25.35
CA VAL B 62 -7.93 15.30 24.55
C VAL B 62 -6.50 15.42 25.16
N THR B 63 -6.42 15.59 26.50
CA THR B 63 -5.18 15.69 27.30
C THR B 63 -4.26 14.48 27.02
N GLY B 64 -4.86 13.28 26.94
CA GLY B 64 -4.18 12.04 26.63
C GLY B 64 -3.48 12.08 25.28
N TYR B 65 -4.12 12.71 24.27
CA TYR B 65 -3.56 12.91 22.93
C TYR B 65 -2.52 14.03 22.93
N GLN B 66 -2.80 15.11 23.70
CA GLN B 66 -1.93 16.29 23.84
C GLN B 66 -0.59 15.95 24.48
N ARG B 67 -0.58 14.92 25.37
CA ARG B 67 0.60 14.43 26.06
C ARG B 67 1.49 13.59 25.15
N LYS B 68 0.90 12.85 24.19
CA LYS B 68 1.61 11.99 23.23
C LYS B 68 2.70 12.77 22.49
N SER B 69 3.77 12.07 22.10
CA SER B 69 4.88 12.66 21.35
C SER B 69 4.42 13.04 19.95
N MET B 70 5.14 13.98 19.31
CA MET B 70 4.87 14.40 17.93
C MET B 70 5.06 13.21 16.98
N TRP B 71 6.05 12.34 17.29
CA TRP B 71 6.38 11.13 16.54
C TRP B 71 5.28 10.08 16.63
N GLU B 72 4.61 9.95 17.80
CA GLU B 72 3.50 9.02 18.03
C GLU B 72 2.28 9.49 17.23
N MET B 73 2.00 10.82 17.26
CA MET B 73 0.89 11.43 16.54
C MET B 73 1.09 11.40 15.02
N TRP B 74 2.33 11.64 14.54
CA TRP B 74 2.67 11.58 13.10
C TRP B 74 2.56 10.14 12.60
N GLU B 75 2.87 9.15 13.47
CA GLU B 75 2.81 7.72 13.19
C GLU B 75 1.35 7.29 13.01
N ARG B 76 0.44 7.76 13.90
CA ARG B 76 -1.00 7.48 13.90
C ARG B 76 -1.68 8.12 12.68
N CYS B 77 -1.44 9.43 12.47
CA CYS B 77 -1.99 10.21 11.36
C CYS B 77 -1.59 9.64 10.02
N ALA B 78 -0.29 9.28 9.85
CA ALA B 78 0.24 8.68 8.62
C ALA B 78 -0.27 7.26 8.42
N HIS B 79 -0.60 6.55 9.51
CA HIS B 79 -1.18 5.20 9.47
C HIS B 79 -2.60 5.30 8.91
N HIS B 80 -3.41 6.25 9.45
CA HIS B 80 -4.78 6.49 9.00
C HIS B 80 -4.81 7.06 7.58
N LEU B 81 -3.78 7.85 7.19
CA LEU B 81 -3.65 8.43 5.85
C LEU B 81 -3.37 7.32 4.82
N THR B 82 -2.44 6.40 5.14
CA THR B 82 -2.08 5.24 4.31
C THR B 82 -3.33 4.39 4.09
N GLU B 83 -4.06 4.08 5.19
CA GLU B 83 -5.30 3.31 5.20
C GLU B 83 -6.37 3.95 4.31
N ALA B 84 -6.53 5.29 4.41
CA ALA B 84 -7.49 6.06 3.62
C ALA B 84 -7.12 6.07 2.13
N ILE B 85 -5.80 6.19 1.82
CA ILE B 85 -5.26 6.17 0.46
C ILE B 85 -5.54 4.82 -0.23
N GLN B 86 -5.55 3.71 0.54
CA GLN B 86 -5.83 2.36 0.03
C GLN B 86 -7.24 2.25 -0.56
N TYR B 87 -8.24 2.90 0.08
CA TYR B 87 -9.64 2.94 -0.36
C TYR B 87 -9.78 3.80 -1.61
N VAL B 88 -8.94 4.84 -1.72
CA VAL B 88 -8.86 5.77 -2.85
C VAL B 88 -8.33 5.02 -4.08
N VAL B 89 -7.28 4.18 -3.89
CA VAL B 89 -6.67 3.34 -4.93
C VAL B 89 -7.71 2.32 -5.39
N GLU B 90 -8.49 1.77 -4.43
CA GLU B 90 -9.58 0.83 -4.68
C GLU B 90 -10.73 1.49 -5.47
N PHE B 91 -10.97 2.81 -5.22
CA PHE B 91 -11.96 3.63 -5.90
C PHE B 91 -11.55 3.81 -7.36
N ALA B 92 -10.28 4.24 -7.59
CA ALA B 92 -9.67 4.43 -8.90
C ALA B 92 -9.67 3.13 -9.71
N LYS B 93 -9.36 1.99 -9.06
CA LYS B 93 -9.35 0.64 -9.64
C LYS B 93 -10.74 0.20 -10.11
N ARG B 94 -11.80 0.76 -9.50
CA ARG B 94 -13.19 0.44 -9.84
C ARG B 94 -13.74 1.39 -10.95
N LEU B 95 -12.88 2.26 -11.51
CA LEU B 95 -13.23 3.16 -12.61
C LEU B 95 -12.70 2.54 -13.91
N SER B 96 -13.63 2.15 -14.81
CA SER B 96 -13.33 1.49 -16.09
C SER B 96 -12.31 2.23 -16.95
N GLY B 97 -12.47 3.55 -17.07
CA GLY B 97 -11.59 4.44 -17.82
C GLY B 97 -10.17 4.49 -17.29
N PHE B 98 -10.04 4.47 -15.94
CA PHE B 98 -8.75 4.48 -15.23
C PHE B 98 -7.95 3.20 -15.50
N MET B 99 -8.62 2.04 -15.50
CA MET B 99 -8.01 0.74 -15.74
C MET B 99 -7.49 0.57 -17.17
N GLU B 100 -8.10 1.28 -18.14
CA GLU B 100 -7.73 1.29 -19.56
C GLU B 100 -6.37 1.99 -19.79
N LEU B 101 -5.98 2.91 -18.88
CA LEU B 101 -4.72 3.67 -18.93
C LEU B 101 -3.50 2.78 -18.70
N CYS B 102 -2.32 3.21 -19.17
CA CYS B 102 -1.06 2.49 -18.95
C CYS B 102 -0.68 2.59 -17.48
N GLN B 103 0.01 1.56 -16.95
CA GLN B 103 0.41 1.45 -15.55
C GLN B 103 1.12 2.70 -15.01
N ASN B 104 2.06 3.28 -15.79
CA ASN B 104 2.78 4.51 -15.42
C ASN B 104 1.80 5.65 -15.14
N ASP B 105 0.79 5.82 -16.01
CA ASP B 105 -0.26 6.84 -15.87
C ASP B 105 -1.15 6.60 -14.66
N GLN B 106 -1.47 5.31 -14.38
CA GLN B 106 -2.24 4.88 -13.22
C GLN B 106 -1.49 5.25 -11.94
N ILE B 107 -0.13 5.13 -11.95
CA ILE B 107 0.74 5.46 -10.82
C ILE B 107 0.85 7.00 -10.66
N VAL B 108 1.15 7.72 -11.77
CA VAL B 108 1.32 9.19 -11.81
C VAL B 108 0.08 9.91 -11.24
N LEU B 109 -1.13 9.46 -11.62
CA LEU B 109 -2.40 10.04 -11.15
C LEU B 109 -2.67 9.70 -9.67
N LEU B 110 -2.36 8.47 -9.23
CA LEU B 110 -2.57 8.04 -7.85
C LEU B 110 -1.57 8.66 -6.87
N LYS B 111 -0.30 8.85 -7.29
CA LYS B 111 0.75 9.47 -6.47
C LYS B 111 0.43 10.95 -6.24
N ALA B 112 0.01 11.65 -7.31
CA ALA B 112 -0.31 13.09 -7.26
C ALA B 112 -1.67 13.42 -6.65
N GLY B 113 -2.66 12.54 -6.80
CA GLY B 113 -4.01 12.79 -6.34
C GLY B 113 -4.60 12.04 -5.16
N ALA B 114 -4.06 10.85 -4.78
CA ALA B 114 -4.61 10.04 -3.68
C ALA B 114 -4.80 10.78 -2.35
N MET B 115 -3.78 11.54 -1.91
CA MET B 115 -3.82 12.31 -0.66
C MET B 115 -4.81 13.49 -0.76
N GLU B 116 -4.88 14.12 -1.94
CA GLU B 116 -5.80 15.23 -2.24
C GLU B 116 -7.25 14.76 -2.14
N VAL B 117 -7.52 13.51 -2.59
CA VAL B 117 -8.83 12.85 -2.54
C VAL B 117 -9.22 12.59 -1.08
N VAL B 118 -8.25 12.15 -0.23
CA VAL B 118 -8.43 11.91 1.21
C VAL B 118 -8.86 13.22 1.90
N LEU B 119 -8.18 14.35 1.57
CA LEU B 119 -8.47 15.70 2.10
C LEU B 119 -9.88 16.18 1.73
N VAL B 120 -10.41 15.74 0.58
CA VAL B 120 -11.76 16.07 0.12
C VAL B 120 -12.77 15.17 0.86
N ARG B 121 -12.54 13.84 0.85
CA ARG B 121 -13.35 12.81 1.53
C ARG B 121 -13.55 13.12 3.03
N MET B 122 -12.56 13.79 3.65
CA MET B 122 -12.49 14.23 5.05
C MET B 122 -13.70 15.01 5.56
N CYS B 123 -14.37 15.79 4.68
CA CYS B 123 -15.52 16.64 5.02
C CYS B 123 -16.73 15.86 5.60
N ARG B 124 -16.84 14.54 5.31
CA ARG B 124 -17.91 13.66 5.82
C ARG B 124 -17.76 13.45 7.32
N ALA B 125 -16.49 13.36 7.77
CA ALA B 125 -16.09 13.15 9.16
C ALA B 125 -16.00 14.47 9.91
N TYR B 126 -16.25 15.60 9.24
CA TYR B 126 -16.20 16.92 9.84
C TYR B 126 -17.61 17.39 10.23
N ASN B 127 -17.73 17.94 11.45
CA ASN B 127 -18.98 18.48 12.00
C ASN B 127 -18.81 19.99 12.23
N ALA B 128 -19.56 20.80 11.46
CA ALA B 128 -19.51 22.27 11.50
C ALA B 128 -20.17 22.90 12.74
N ASP B 129 -21.06 22.14 13.40
CA ASP B 129 -21.81 22.56 14.60
C ASP B 129 -20.92 22.80 15.83
N ASN B 130 -19.75 22.15 15.88
CA ASN B 130 -18.81 22.22 17.02
C ASN B 130 -17.32 22.28 16.59
N ARG B 131 -17.05 22.36 15.26
CA ARG B 131 -15.71 22.38 14.65
C ARG B 131 -14.89 21.14 15.05
N THR B 132 -15.51 19.95 14.97
CA THR B 132 -14.85 18.69 15.33
C THR B 132 -14.75 17.73 14.14
N VAL B 133 -13.78 16.82 14.21
CA VAL B 133 -13.54 15.81 13.19
C VAL B 133 -13.53 14.43 13.84
N PHE B 134 -14.03 13.41 13.14
CA PHE B 134 -14.04 12.03 13.63
C PHE B 134 -12.63 11.46 13.50
N PHE B 135 -11.98 11.20 14.65
CA PHE B 135 -10.63 10.66 14.74
C PHE B 135 -10.57 9.59 15.83
N GLU B 136 -10.17 8.37 15.46
CA GLU B 136 -10.00 7.21 16.34
C GLU B 136 -11.23 6.92 17.24
N GLY B 137 -12.38 6.69 16.59
CA GLY B 137 -13.63 6.33 17.26
C GLY B 137 -14.51 7.44 17.81
N LYS B 138 -13.94 8.64 18.08
CA LYS B 138 -14.71 9.76 18.63
C LYS B 138 -14.42 11.09 17.94
N TYR B 139 -15.28 12.10 18.16
CA TYR B 139 -15.11 13.44 17.60
C TYR B 139 -14.26 14.30 18.52
N GLY B 140 -13.31 14.99 17.93
CA GLY B 140 -12.39 15.87 18.64
C GLY B 140 -12.06 17.14 17.87
N GLY B 141 -11.73 18.18 18.61
CA GLY B 141 -11.36 19.48 18.05
C GLY B 141 -9.97 19.48 17.46
N MET B 142 -9.51 20.63 16.95
CA MET B 142 -8.18 20.73 16.35
C MET B 142 -7.06 20.71 17.43
N GLU B 143 -7.45 20.85 18.72
CA GLU B 143 -6.54 20.80 19.87
C GLU B 143 -6.11 19.35 20.22
N LEU B 144 -6.73 18.35 19.56
CA LEU B 144 -6.44 16.93 19.70
C LEU B 144 -5.07 16.63 19.07
N PHE B 145 -4.73 17.37 18.00
CA PHE B 145 -3.50 17.27 17.20
C PHE B 145 -2.39 18.27 17.61
N ARG B 146 -2.55 18.91 18.79
CA ARG B 146 -1.64 19.92 19.39
C ARG B 146 -0.17 19.47 19.44
N ALA B 147 0.08 18.16 19.69
CA ALA B 147 1.40 17.52 19.78
C ALA B 147 2.26 17.67 18.53
N LEU B 148 1.65 17.63 17.33
CA LEU B 148 2.36 17.74 16.05
C LEU B 148 3.14 19.06 15.90
N GLY B 149 2.64 20.13 16.51
CA GLY B 149 3.22 21.46 16.43
C GLY B 149 2.95 22.05 15.06
N CYS B 150 1.71 21.85 14.57
CA CYS B 150 1.28 22.27 13.24
C CYS B 150 -0.07 23.01 13.27
N SER B 151 -0.25 23.93 14.24
CA SER B 151 -1.47 24.72 14.40
C SER B 151 -1.97 25.32 13.08
N GLU B 152 -1.04 25.83 12.23
CA GLU B 152 -1.34 26.41 10.92
C GLU B 152 -1.86 25.35 9.95
N LEU B 153 -1.18 24.18 9.89
CA LEU B 153 -1.53 23.07 9.02
C LEU B 153 -2.84 22.37 9.42
N ILE B 154 -3.09 22.22 10.73
CA ILE B 154 -4.31 21.61 11.27
C ILE B 154 -5.54 22.52 11.03
N SER B 155 -5.35 23.85 11.15
CA SER B 155 -6.42 24.82 10.90
C SER B 155 -6.75 24.84 9.42
N SER B 156 -5.74 24.68 8.53
CA SER B 156 -5.87 24.62 7.08
C SER B 156 -6.74 23.45 6.64
N ILE B 157 -6.59 22.30 7.34
CA ILE B 157 -7.33 21.05 7.17
C ILE B 157 -8.78 21.26 7.57
N PHE B 158 -8.98 21.84 8.77
CA PHE B 158 -10.28 22.08 9.39
C PHE B 158 -11.10 23.08 8.59
N ASP B 159 -10.45 24.18 8.13
CA ASP B 159 -11.08 25.23 7.31
C ASP B 159 -11.53 24.69 5.95
N PHE B 160 -10.72 23.80 5.33
CA PHE B 160 -11.03 23.18 4.04
C PHE B 160 -12.24 22.25 4.15
N SER B 161 -12.27 21.41 5.22
CA SER B 161 -13.37 20.50 5.50
C SER B 161 -14.63 21.28 5.89
N HIS B 162 -14.44 22.47 6.50
CA HIS B 162 -15.54 23.37 6.86
C HIS B 162 -16.15 24.01 5.60
N SER B 163 -15.29 24.37 4.61
CA SER B 163 -15.72 24.96 3.34
C SER B 163 -16.58 24.00 2.50
N LEU B 164 -16.39 22.68 2.68
CA LEU B 164 -17.16 21.66 1.96
C LEU B 164 -18.38 21.19 2.77
N SER B 165 -18.25 21.06 4.11
CA SER B 165 -19.35 20.65 4.99
C SER B 165 -20.42 21.73 5.11
N ALA B 166 -20.03 23.02 4.98
CA ALA B 166 -20.95 24.17 5.03
C ALA B 166 -21.88 24.15 3.81
N LEU B 167 -21.37 23.62 2.68
CA LEU B 167 -22.08 23.47 1.42
C LEU B 167 -22.96 22.21 1.45
N HIS B 168 -22.74 21.32 2.46
CA HIS B 168 -23.40 20.02 2.65
C HIS B 168 -23.07 19.10 1.46
N PHE B 169 -21.76 19.04 1.10
CA PHE B 169 -21.22 18.24 0.01
C PHE B 169 -21.67 16.80 0.17
N SER B 170 -22.51 16.33 -0.78
CA SER B 170 -23.10 15.00 -0.78
C SER B 170 -22.09 13.89 -1.10
N GLU B 171 -22.50 12.64 -0.88
CA GLU B 171 -21.72 11.43 -1.18
C GLU B 171 -21.38 11.35 -2.66
N ASP B 172 -22.38 11.67 -3.52
CA ASP B 172 -22.27 11.71 -4.98
C ASP B 172 -21.39 12.88 -5.43
N GLU B 173 -21.48 14.04 -4.75
CA GLU B 173 -20.67 15.22 -5.03
C GLU B 173 -19.21 14.96 -4.72
N ILE B 174 -18.91 14.24 -3.58
CA ILE B 174 -17.55 13.84 -3.20
C ILE B 174 -17.03 12.88 -4.27
N ALA B 175 -17.85 11.88 -4.65
CA ALA B 175 -17.56 10.85 -5.67
C ALA B 175 -17.08 11.44 -6.99
N LEU B 176 -17.80 12.43 -7.53
CA LEU B 176 -17.52 13.09 -8.80
C LEU B 176 -16.37 14.09 -8.71
N TYR B 177 -16.28 14.82 -7.57
CA TYR B 177 -15.22 15.81 -7.31
C TYR B 177 -13.86 15.12 -7.20
N THR B 178 -13.78 14.03 -6.43
CA THR B 178 -12.55 13.24 -6.22
C THR B 178 -12.10 12.51 -7.48
N ALA B 179 -13.08 12.08 -8.33
CA ALA B 179 -12.81 11.43 -9.62
C ALA B 179 -12.09 12.44 -10.52
N LEU B 180 -12.48 13.73 -10.42
CA LEU B 180 -11.86 14.85 -11.13
C LEU B 180 -10.50 15.24 -10.53
N VAL B 181 -10.32 14.98 -9.22
CA VAL B 181 -9.05 15.24 -8.52
C VAL B 181 -8.00 14.22 -9.02
N LEU B 182 -8.36 12.91 -9.04
CA LEU B 182 -7.50 11.82 -9.52
C LEU B 182 -7.23 11.97 -11.01
N ILE B 183 -8.30 12.05 -11.84
CA ILE B 183 -8.19 12.18 -13.30
C ILE B 183 -7.96 13.65 -13.68
N ASN B 184 -6.68 14.01 -13.77
CA ASN B 184 -6.22 15.35 -14.11
C ASN B 184 -5.07 15.18 -15.10
N ALA B 185 -5.29 15.57 -16.37
CA ALA B 185 -4.28 15.44 -17.42
C ALA B 185 -3.07 16.40 -17.27
N HIS B 186 -3.17 17.37 -16.35
CA HIS B 186 -2.14 18.37 -16.05
C HIS B 186 -0.91 17.81 -15.29
N ARG B 187 -1.06 16.64 -14.64
CA ARG B 187 0.00 15.99 -13.85
C ARG B 187 1.26 15.68 -14.67
N PRO B 188 2.46 16.05 -14.19
CA PRO B 188 3.68 15.74 -14.95
C PRO B 188 4.07 14.26 -14.81
N GLY B 189 4.46 13.66 -15.93
CA GLY B 189 4.86 12.26 -15.99
C GLY B 189 3.91 11.37 -16.76
N LEU B 190 2.80 11.95 -17.27
CA LEU B 190 1.82 11.21 -18.05
C LEU B 190 2.32 11.00 -19.48
N GLN B 191 2.15 9.78 -20.01
CA GLN B 191 2.53 9.41 -21.36
C GLN B 191 1.34 9.53 -22.30
N GLU B 192 0.17 9.00 -21.87
CA GLU B 192 -1.08 9.07 -22.63
C GLU B 192 -1.91 10.26 -22.12
N LYS B 193 -1.38 11.50 -22.27
CA LYS B 193 -2.06 12.73 -21.83
C LYS B 193 -3.43 12.93 -22.48
N ARG B 194 -3.60 12.45 -23.74
CA ARG B 194 -4.82 12.53 -24.54
C ARG B 194 -5.97 11.68 -23.99
N LYS B 195 -5.71 10.41 -23.63
CA LYS B 195 -6.75 9.52 -23.11
C LYS B 195 -7.16 9.86 -21.67
N VAL B 196 -6.27 10.55 -20.91
CA VAL B 196 -6.58 11.06 -19.56
C VAL B 196 -7.45 12.31 -19.75
N GLU B 197 -7.13 13.16 -20.76
CA GLU B 197 -7.87 14.37 -21.12
C GLU B 197 -9.33 14.07 -21.43
N GLN B 198 -9.60 13.04 -22.27
CA GLN B 198 -10.94 12.56 -22.65
C GLN B 198 -11.71 12.11 -21.42
N LEU B 199 -11.02 11.38 -20.52
CA LEU B 199 -11.53 10.85 -19.27
C LEU B 199 -11.89 12.01 -18.30
N GLN B 200 -11.04 13.06 -18.24
CA GLN B 200 -11.24 14.29 -17.44
C GLN B 200 -12.46 15.09 -17.95
N TYR B 201 -12.59 15.27 -19.28
CA TYR B 201 -13.68 16.00 -19.93
C TYR B 201 -15.02 15.33 -19.72
N ASN B 202 -15.05 13.98 -19.82
CA ASN B 202 -16.26 13.20 -19.59
C ASN B 202 -16.71 13.30 -18.14
N LEU B 203 -15.75 13.32 -17.18
CA LEU B 203 -16.02 13.46 -15.75
C LEU B 203 -16.44 14.89 -15.39
N GLU B 204 -15.93 15.89 -16.15
CA GLU B 204 -16.26 17.31 -15.98
C GLU B 204 -17.72 17.51 -16.37
N LEU B 205 -18.16 16.96 -17.52
CA LEU B 205 -19.56 17.04 -17.93
C LEU B 205 -20.43 16.19 -17.01
N ALA B 206 -19.95 14.99 -16.61
CA ALA B 206 -20.66 14.11 -15.67
C ALA B 206 -20.94 14.84 -14.36
N PHE B 207 -20.00 15.67 -13.89
CA PHE B 207 -20.14 16.46 -12.67
C PHE B 207 -21.18 17.56 -12.82
N HIS B 208 -21.08 18.36 -13.90
CA HIS B 208 -22.01 19.46 -14.20
C HIS B 208 -23.43 18.97 -14.47
N HIS B 209 -23.56 17.84 -15.21
CA HIS B 209 -24.85 17.21 -15.53
C HIS B 209 -25.55 16.73 -14.27
N HIS B 210 -24.80 16.15 -13.32
CA HIS B 210 -25.35 15.66 -12.06
C HIS B 210 -25.79 16.80 -11.14
N LEU B 211 -25.08 17.95 -11.18
CA LEU B 211 -25.44 19.13 -10.39
C LEU B 211 -26.77 19.71 -10.88
N CYS B 212 -27.02 19.65 -12.20
CA CYS B 212 -28.27 20.10 -12.82
C CYS B 212 -29.44 19.21 -12.40
N LYS B 213 -29.24 17.88 -12.44
CA LYS B 213 -30.24 16.86 -12.08
C LYS B 213 -30.63 16.92 -10.60
N THR B 214 -29.70 17.38 -9.73
CA THR B 214 -29.90 17.48 -8.28
C THR B 214 -30.12 18.94 -7.82
N HIS B 215 -30.23 19.89 -8.78
CA HIS B 215 -30.44 21.34 -8.59
C HIS B 215 -29.41 21.96 -7.63
N ARG B 216 -28.14 21.59 -7.84
CA ARG B 216 -26.99 22.00 -7.06
C ARG B 216 -25.97 22.81 -7.89
N GLN B 217 -26.43 23.52 -8.96
CA GLN B 217 -25.59 24.39 -9.80
C GLN B 217 -24.98 25.52 -8.94
N SER B 218 -25.72 25.90 -7.88
CA SER B 218 -25.41 26.92 -6.88
C SER B 218 -24.08 26.72 -6.15
N ILE B 219 -23.68 25.45 -5.92
CA ILE B 219 -22.46 25.12 -5.16
C ILE B 219 -21.16 25.25 -6.00
N LEU B 220 -21.24 25.27 -7.34
CA LEU B 220 -20.07 25.38 -8.23
C LEU B 220 -19.18 26.58 -7.93
N ALA B 221 -19.80 27.77 -7.77
CA ALA B 221 -19.08 29.01 -7.47
C ALA B 221 -18.65 29.09 -6.01
N LYS B 222 -19.31 28.30 -5.12
CA LYS B 222 -19.05 28.24 -3.68
C LYS B 222 -17.99 27.18 -3.29
N LEU B 223 -17.48 26.41 -4.28
CA LEU B 223 -16.46 25.35 -4.10
C LEU B 223 -15.04 25.92 -3.86
N PRO B 224 -14.07 25.11 -3.32
CA PRO B 224 -12.68 25.64 -3.12
C PRO B 224 -12.04 26.13 -4.42
N PRO B 225 -11.29 27.26 -4.34
CA PRO B 225 -10.65 27.81 -5.56
C PRO B 225 -9.55 26.90 -6.07
N LYS B 226 -9.87 26.13 -7.15
CA LYS B 226 -8.98 25.18 -7.83
C LYS B 226 -7.51 25.66 -7.84
N GLY B 227 -6.72 25.01 -6.98
CA GLY B 227 -5.32 25.34 -6.70
C GLY B 227 -5.11 25.34 -5.20
N LYS B 228 -6.20 25.58 -4.42
CA LYS B 228 -6.23 25.58 -2.95
C LYS B 228 -5.86 24.20 -2.43
N LEU B 229 -6.60 23.15 -2.86
CA LEU B 229 -6.37 21.76 -2.49
C LEU B 229 -4.93 21.32 -2.84
N ARG B 230 -4.45 21.70 -4.05
CA ARG B 230 -3.11 21.41 -4.54
C ARG B 230 -2.00 22.15 -3.77
N SER B 231 -2.31 23.36 -3.23
CA SER B 231 -1.37 24.15 -2.42
C SER B 231 -1.33 23.59 -1.00
N LEU B 232 -2.52 23.21 -0.47
CA LEU B 232 -2.75 22.62 0.85
C LEU B 232 -2.02 21.28 0.98
N CYS B 233 -2.22 20.37 0.00
CA CYS B 233 -1.64 19.03 -0.05
C CYS B 233 -0.12 19.04 -0.13
N SER B 234 0.47 19.91 -1.00
CA SER B 234 1.92 20.06 -1.17
C SER B 234 2.57 20.51 0.15
N GLN B 235 1.91 21.46 0.84
CA GLN B 235 2.31 22.02 2.12
C GLN B 235 2.25 20.94 3.22
N HIS B 236 1.16 20.15 3.24
CA HIS B 236 0.96 19.06 4.21
C HIS B 236 1.93 17.91 3.99
N VAL B 237 2.16 17.53 2.72
CA VAL B 237 3.07 16.45 2.36
C VAL B 237 4.54 16.86 2.62
N GLU B 238 4.82 18.18 2.74
CA GLU B 238 6.14 18.71 3.05
C GLU B 238 6.46 18.48 4.53
N ARG B 239 5.43 18.60 5.40
CA ARG B 239 5.52 18.40 6.85
C ARG B 239 5.69 16.92 7.22
N LEU B 240 4.83 16.02 6.66
CA LEU B 240 4.88 14.58 6.93
C LEU B 240 6.16 13.91 6.41
N GLN B 241 6.75 14.43 5.30
CA GLN B 241 7.96 13.88 4.69
C GLN B 241 9.19 13.95 5.60
N ILE B 242 9.22 14.94 6.51
CA ILE B 242 10.29 15.12 7.47
C ILE B 242 10.10 14.14 8.65
N PHE B 243 8.84 13.81 8.98
CA PHE B 243 8.48 12.84 10.02
C PHE B 243 8.08 11.50 9.40
C1 L8A C . -0.45 -16.06 -1.00
C2 L8A C . 0.46 -16.70 -1.83
C3 L8A C . 1.75 -16.93 -1.35
C4 L8A C . 2.11 -16.53 -0.07
C5 L8A C . 1.19 -15.91 0.76
C6 L8A C . -0.08 -15.67 0.28
C7 L8A C . 0.09 -17.19 -3.24
C8 L8A C . 1.57 -15.54 2.19
C9 L8A C . -0.95 -18.33 -3.15
C10 L8A C . -0.41 -16.04 -4.16
S11 L8A C . 0.59 -16.64 3.30
C12 L8A C . 0.87 -18.26 2.65
C13 L8A C . 1.92 -19.02 3.12
C14 L8A C . 2.14 -20.28 2.59
C15 L8A C . 1.31 -20.73 1.61
C16 L8A C . 0.25 -19.99 1.12
C17 L8A C . 0.03 -18.74 1.65
O18 L8A C . 1.18 -16.58 4.61
O19 L8A C . -0.80 -16.31 3.14
F20 L8A C . -0.53 -19.31 -2.36
F21 L8A C . -1.19 -18.89 -4.34
F22 L8A C . -2.12 -17.92 -2.68
C23 L8A C . 3.07 -15.64 2.48
N24 L8A C . 3.22 -14.89 3.71
C25 L8A C . 2.38 -13.69 3.61
C26 L8A C . 1.32 -14.06 2.56
O27 L8A C . 1.22 -17.74 -3.90
F28 L8A C . -0.71 -16.47 -5.38
F29 L8A C . -1.50 -15.44 -3.67
F30 L8A C . 0.53 -15.10 -4.30
F31 L8A C . 1.55 -21.98 1.10
C32 L8A C . 4.03 -15.39 4.71
O33 L8A C . 4.45 -16.53 4.68
N34 L8A C . 4.30 -14.47 5.71
C35 L8A C . 5.09 -13.26 5.50
C36 L8A C . 6.58 -13.59 5.47
N37 L8A C . 6.98 -14.34 6.66
C38 L8A C . 6.11 -15.47 7.02
C39 L8A C . 4.63 -15.06 7.01
C40 L8A C . 8.06 -14.01 7.40
C41 L8A C . 8.39 -14.84 8.60
O42 L8A C . 8.77 -13.05 7.08
C1 L8A D . -2.88 13.21 8.38
C2 L8A D . -3.06 14.48 7.84
C3 L8A D . -4.35 14.86 7.48
C4 L8A D . -5.41 13.99 7.64
C5 L8A D . -5.23 12.72 8.18
C6 L8A D . -3.94 12.35 8.55
C7 L8A D . -1.90 15.49 7.70
C8 L8A D . -6.41 11.79 8.44
C9 L8A D . -1.47 16.00 9.10
C10 L8A D . -0.70 14.91 6.93
S11 L8A D . -6.77 11.85 10.24
C12 L8A D . -6.62 13.56 10.64
C13 L8A D . -7.73 14.38 10.60
C14 L8A D . -7.62 15.73 10.90
C15 L8A D . -6.37 16.21 11.25
C16 L8A D . -5.26 15.42 11.31
C17 L8A D . -5.37 14.07 11.00
O18 L8A D . -8.14 11.46 10.44
O19 L8A D . -5.74 11.13 10.93
F20 L8A D . -2.53 16.39 9.82
F21 L8A D . -0.66 17.05 9.02
F22 L8A D . -0.85 15.08 9.82
C23 L8A D . -7.64 12.13 7.58
N24 L8A D . -8.46 10.93 7.68
C25 L8A D . -7.57 9.75 7.69
C26 L8A D . -6.19 10.33 7.99
O27 L8A D . -2.28 16.63 6.96
F28 L8A D . 0.24 15.84 6.73
F29 L8A D . -0.11 13.91 7.58
F30 L8A D . -1.05 14.46 5.74
F31 L8A D . -6.25 17.53 11.53
C32 L8A D . -9.82 11.04 7.74
O33 L8A D . -10.38 12.06 8.14
N34 L8A D . -10.49 9.93 7.30
C35 L8A D . -10.42 9.35 5.95
C36 L8A D . -11.53 9.91 5.06
N37 L8A D . -12.84 9.74 5.71
C38 L8A D . -12.88 10.32 7.06
C39 L8A D . -11.80 9.71 7.93
C40 L8A D . -13.92 9.12 5.16
C41 L8A D . -15.17 9.04 5.96
O42 L8A D . -13.83 8.64 4.04
#